data_6J9O
#
_entry.id   6J9O
#
_cell.length_a   36.747
_cell.length_b   56.798
_cell.length_c   102.581
_cell.angle_alpha   90.00
_cell.angle_beta   90.00
_cell.angle_gamma   90.00
#
_symmetry.space_group_name_H-M   'P 21 21 21'
#
loop_
_entity.id
_entity.type
_entity.pdbx_description
1 polymer 'Heavy chain of AF4H1K1 scFv'
2 polymer 'Light chain of AF4H1K1 scFv'
3 water water
#
loop_
_entity_poly.entity_id
_entity_poly.type
_entity_poly.pdbx_seq_one_letter_code
_entity_poly.pdbx_strand_id
1 'polypeptide(L)'
;GSQVQLVESGGGVVQPGTSLRLSCEASGFTSSAYAMHWVRQAPGKGLEWVAVITFDGGYQYYADSVKGRFTISRDISRNT
LHLHMNSLRAEDTAVYYCARDPLTKLLPFDWVSGGYFDYWGQGTLVTVSS
;
H
2 'polypeptide(L)'
;DIVMTQSPGTLSLSPGERATLSCRASQSVSSSYLAWYQQKPGQAPRLLIYRASSRATGIPDRFSGSGSGTDFTLTISRLE
PEDFAVYYCQQYGSSFTFGQGTKVEIKR
;
L
#
# COMPACT_ATOMS: atom_id res chain seq x y z
N GLY A 1 4.88 12.19 -18.95
CA GLY A 1 5.71 11.79 -20.07
C GLY A 1 5.49 10.35 -20.50
N SER A 2 6.58 9.63 -20.78
CA SER A 2 6.48 8.26 -21.26
C SER A 2 6.23 7.28 -20.12
N GLN A 3 7.17 7.19 -19.19
CA GLN A 3 6.97 6.35 -18.01
C GLN A 3 5.99 7.01 -17.05
N VAL A 4 5.19 6.18 -16.37
CA VAL A 4 4.37 6.67 -15.28
C VAL A 4 5.26 7.05 -14.12
N GLN A 5 5.05 8.24 -13.57
CA GLN A 5 5.78 8.71 -12.40
C GLN A 5 4.81 9.31 -11.40
N LEU A 6 5.06 9.05 -10.12
CA LEU A 6 4.39 9.72 -9.02
C LEU A 6 5.48 10.28 -8.11
N VAL A 7 5.45 11.58 -7.87
CA VAL A 7 6.50 12.26 -7.12
C VAL A 7 5.87 13.02 -5.97
N GLU A 8 6.12 12.56 -4.75
CA GLU A 8 5.60 13.21 -3.55
C GLU A 8 6.56 14.30 -3.08
N SER A 9 6.00 15.32 -2.43
CA SER A 9 6.80 16.40 -1.88
C SER A 9 6.06 16.98 -0.67
N GLY A 10 6.80 17.76 0.11
CA GLY A 10 6.24 18.47 1.24
C GLY A 10 6.66 17.94 2.60
N GLY A 11 7.30 16.77 2.65
CA GLY A 11 7.69 16.22 3.93
C GLY A 11 8.80 17.01 4.59
N GLY A 12 8.95 16.77 5.89
CA GLY A 12 9.98 17.43 6.67
C GLY A 12 9.74 17.19 8.14
N VAL A 13 10.53 17.89 8.95
CA VAL A 13 10.39 17.84 10.40
C VAL A 13 9.31 18.83 10.82
N VAL A 14 8.31 18.36 11.56
CA VAL A 14 7.19 19.19 11.99
C VAL A 14 6.94 18.95 13.48
N GLN A 15 6.42 19.98 14.14
CA GLN A 15 6.22 19.92 15.58
C GLN A 15 4.80 19.43 15.91
N PRO A 16 4.63 18.81 17.08
CA PRO A 16 3.30 18.32 17.45
C PRO A 16 2.24 19.40 17.41
N GLY A 17 1.06 19.05 16.89
CA GLY A 17 -0.06 19.94 16.84
C GLY A 17 -0.11 20.84 15.61
N THR A 18 0.95 20.88 14.81
CA THR A 18 0.99 21.75 13.65
C THR A 18 0.31 21.09 12.45
N SER A 19 0.28 21.81 11.33
CA SER A 19 -0.35 21.34 10.10
C SER A 19 0.67 21.30 8.98
N LEU A 20 0.41 20.44 7.98
CA LEU A 20 1.31 20.25 6.86
C LEU A 20 0.52 19.76 5.67
N ARG A 21 0.88 20.24 4.48
CA ARG A 21 0.27 19.76 3.23
C ARG A 21 1.31 19.01 2.42
N LEU A 22 0.97 17.79 2.02
CA LEU A 22 1.79 17.01 1.11
C LEU A 22 1.19 17.08 -0.29
N SER A 23 2.05 16.90 -1.29
CA SER A 23 1.63 16.94 -2.68
C SER A 23 2.19 15.72 -3.41
N CYS A 24 1.47 15.31 -4.46
CA CYS A 24 1.86 14.18 -5.30
C CYS A 24 1.60 14.58 -6.74
N GLU A 25 2.66 14.78 -7.52
CA GLU A 25 2.54 15.15 -8.92
C GLU A 25 2.63 13.89 -9.78
N ALA A 26 1.60 13.67 -10.60
CA ALA A 26 1.54 12.51 -11.47
C ALA A 26 1.96 12.89 -12.87
N SER A 27 2.63 11.96 -13.55
CA SER A 27 2.98 12.12 -14.96
C SER A 27 2.87 10.78 -15.64
N GLY A 28 2.60 10.81 -16.95
CA GLY A 28 2.39 9.59 -17.72
C GLY A 28 0.99 9.03 -17.65
N PHE A 29 0.11 9.60 -16.82
CA PHE A 29 -1.29 9.22 -16.76
C PHE A 29 -2.05 10.40 -16.17
N THR A 30 -3.36 10.38 -16.37
CA THR A 30 -4.24 11.43 -15.84
C THR A 30 -4.80 10.95 -14.51
N SER A 31 -4.37 11.59 -13.42
CA SER A 31 -4.76 11.12 -12.09
C SER A 31 -6.25 11.29 -11.83
N SER A 32 -6.90 12.24 -12.50
CA SER A 32 -8.33 12.43 -12.29
C SER A 32 -9.16 11.28 -12.83
N ALA A 33 -8.57 10.37 -13.60
CA ALA A 33 -9.29 9.23 -14.15
C ALA A 33 -9.27 8.01 -13.23
N TYR A 34 -8.56 8.09 -12.11
CA TYR A 34 -8.37 6.95 -11.22
C TYR A 34 -8.72 7.32 -9.79
N ALA A 35 -9.10 6.31 -9.01
CA ALA A 35 -9.05 6.45 -7.56
C ALA A 35 -7.60 6.61 -7.15
N MET A 36 -7.32 7.60 -6.32
CA MET A 36 -5.97 7.89 -5.84
C MET A 36 -5.93 7.81 -4.33
N HIS A 37 -4.80 7.35 -3.80
CA HIS A 37 -4.68 7.00 -2.39
C HIS A 37 -3.41 7.61 -1.80
N TRP A 38 -3.44 7.77 -0.48
CA TRP A 38 -2.25 7.93 0.32
C TRP A 38 -2.09 6.71 1.21
N VAL A 39 -0.87 6.17 1.27
CA VAL A 39 -0.51 5.04 2.10
C VAL A 39 0.77 5.43 2.82
N ARG A 40 0.84 5.16 4.13
CA ARG A 40 2.00 5.57 4.90
C ARG A 40 2.67 4.35 5.54
N GLN A 41 3.93 4.54 5.95
CA GLN A 41 4.70 3.47 6.56
C GLN A 41 5.53 4.08 7.68
N ALA A 42 5.14 3.79 8.92
CA ALA A 42 5.90 4.26 10.06
C ALA A 42 7.23 3.51 10.12
N PRO A 43 8.28 4.13 10.69
CA PRO A 43 9.60 3.50 10.69
C PRO A 43 9.56 2.13 11.36
N GLY A 44 10.06 1.13 10.65
CA GLY A 44 10.12 -0.23 11.15
C GLY A 44 8.79 -0.97 11.16
N LYS A 45 7.72 -0.38 10.65
CA LYS A 45 6.40 -0.99 10.66
C LYS A 45 5.92 -1.21 9.23
N GLY A 46 4.69 -1.72 9.12
CA GLY A 46 4.13 -2.09 7.84
C GLY A 46 3.36 -0.96 7.17
N LEU A 47 2.87 -1.25 5.98
CA LEU A 47 2.07 -0.28 5.22
C LEU A 47 0.72 -0.08 5.89
N GLU A 48 0.26 1.17 5.93
CA GLU A 48 -1.03 1.53 6.48
C GLU A 48 -1.76 2.43 5.50
N TRP A 49 -2.90 1.95 4.99
CA TRP A 49 -3.72 2.79 4.12
C TRP A 49 -4.25 3.99 4.89
N VAL A 50 -4.23 5.16 4.25
CA VAL A 50 -4.54 6.43 4.89
C VAL A 50 -5.83 7.06 4.34
N ALA A 51 -5.93 7.18 3.02
CA ALA A 51 -7.04 7.94 2.45
C ALA A 51 -7.21 7.61 0.98
N VAL A 52 -8.44 7.77 0.50
CA VAL A 52 -8.78 7.57 -0.92
C VAL A 52 -9.67 8.72 -1.37
N ILE A 53 -9.50 9.11 -2.63
CA ILE A 53 -10.45 9.98 -3.32
C ILE A 53 -10.83 9.30 -4.63
N THR A 54 -12.12 9.26 -4.92
CA THR A 54 -12.61 8.57 -6.11
C THR A 54 -12.33 9.39 -7.37
N PHE A 55 -12.49 8.74 -8.53
CA PHE A 55 -12.17 9.40 -9.79
C PHE A 55 -13.03 10.63 -10.03
N ASP A 56 -14.27 10.62 -9.52
CA ASP A 56 -15.15 11.78 -9.68
C ASP A 56 -14.81 12.91 -8.71
N GLY A 57 -13.99 12.65 -7.70
CA GLY A 57 -13.62 13.66 -6.72
C GLY A 57 -14.64 13.90 -5.64
N GLY A 58 -15.82 13.29 -5.70
CA GLY A 58 -16.88 13.57 -4.76
C GLY A 58 -16.90 12.71 -3.52
N TYR A 59 -16.10 11.64 -3.46
CA TYR A 59 -16.06 10.74 -2.32
C TYR A 59 -14.64 10.66 -1.78
N GLN A 60 -14.51 10.73 -0.46
CA GLN A 60 -13.24 10.54 0.23
C GLN A 60 -13.47 9.69 1.46
N TYR A 61 -12.52 8.78 1.73
CA TYR A 61 -12.57 7.95 2.92
C TYR A 61 -11.19 7.92 3.56
N TYR A 62 -11.17 7.64 4.86
CA TYR A 62 -9.97 7.79 5.67
C TYR A 62 -9.87 6.65 6.67
N ALA A 63 -8.64 6.32 7.06
CA ALA A 63 -8.41 5.41 8.16
C ALA A 63 -8.88 6.05 9.46
N ASP A 64 -9.34 5.21 10.39
CA ASP A 64 -9.80 5.73 11.68
C ASP A 64 -8.73 6.54 12.40
N SER A 65 -7.45 6.18 12.20
CA SER A 65 -6.36 6.86 12.88
C SER A 65 -6.21 8.32 12.45
N VAL A 66 -6.74 8.69 11.28
CA VAL A 66 -6.54 10.04 10.75
C VAL A 66 -7.84 10.77 10.46
N LYS A 67 -8.99 10.10 10.58
CA LYS A 67 -10.26 10.73 10.22
C LYS A 67 -10.52 11.95 11.08
N GLY A 68 -10.99 13.01 10.45
CA GLY A 68 -11.20 14.28 11.10
C GLY A 68 -10.00 15.20 11.10
N ARG A 69 -8.80 14.66 10.97
CA ARG A 69 -7.57 15.44 10.96
C ARG A 69 -6.94 15.60 9.59
N PHE A 70 -7.12 14.62 8.70
CA PHE A 70 -6.53 14.64 7.37
C PHE A 70 -7.61 14.86 6.33
N THR A 71 -7.24 15.53 5.24
CA THR A 71 -8.11 15.73 4.09
C THR A 71 -7.35 15.40 2.82
N ILE A 72 -7.93 14.56 1.97
CA ILE A 72 -7.36 14.24 0.67
C ILE A 72 -8.10 15.06 -0.39
N SER A 73 -7.36 15.65 -1.31
CA SER A 73 -7.94 16.47 -2.37
C SER A 73 -7.07 16.34 -3.61
N ARG A 74 -7.57 16.89 -4.71
CA ARG A 74 -6.88 16.80 -5.98
C ARG A 74 -7.02 18.10 -6.74
N ASP A 75 -5.97 18.44 -7.48
CA ASP A 75 -5.96 19.58 -8.40
C ASP A 75 -5.96 18.99 -9.80
N ILE A 76 -7.15 18.91 -10.41
CA ILE A 76 -7.30 18.26 -11.70
C ILE A 76 -6.54 19.02 -12.79
N SER A 77 -6.54 20.35 -12.71
CA SER A 77 -5.88 21.16 -13.72
C SER A 77 -4.36 20.98 -13.71
N ARG A 78 -3.80 20.47 -12.62
CA ARG A 78 -2.35 20.30 -12.50
C ARG A 78 -1.92 18.85 -12.27
N ASN A 79 -2.86 17.90 -12.35
CA ASN A 79 -2.55 16.48 -12.23
C ASN A 79 -1.87 16.16 -10.90
N THR A 80 -2.36 16.77 -9.82
CA THR A 80 -1.71 16.69 -8.53
C THR A 80 -2.69 16.22 -7.46
N LEU A 81 -2.21 15.41 -6.53
CA LEU A 81 -2.95 14.95 -5.37
C LEU A 81 -2.36 15.60 -4.12
N HIS A 82 -3.21 15.87 -3.13
CA HIS A 82 -2.79 16.53 -1.91
C HIS A 82 -3.29 15.79 -0.69
N LEU A 83 -2.54 15.90 0.40
CA LEU A 83 -2.98 15.44 1.72
C LEU A 83 -2.75 16.58 2.69
N HIS A 84 -3.84 17.10 3.25
CA HIS A 84 -3.77 18.18 4.23
C HIS A 84 -3.87 17.55 5.61
N MET A 85 -2.83 17.71 6.42
CA MET A 85 -2.74 17.07 7.72
C MET A 85 -2.77 18.12 8.82
N ASN A 86 -3.73 18.01 9.72
CA ASN A 86 -3.87 18.90 10.86
C ASN A 86 -3.62 18.15 12.16
N SER A 87 -3.28 18.92 13.20
CA SER A 87 -3.10 18.38 14.55
CA SER A 87 -3.11 18.38 14.55
C SER A 87 -2.18 17.17 14.56
N LEU A 88 -1.00 17.36 13.98
CA LEU A 88 -0.05 16.26 13.85
C LEU A 88 0.35 15.68 15.20
N ARG A 89 0.41 14.37 15.27
CA ARG A 89 0.74 13.64 16.48
C ARG A 89 1.99 12.79 16.24
N ALA A 90 2.61 12.36 17.34
CA ALA A 90 3.82 11.56 17.25
C ALA A 90 3.63 10.32 16.40
N GLU A 91 2.44 9.72 16.43
CA GLU A 91 2.17 8.51 15.66
C GLU A 91 2.01 8.77 14.16
N ASP A 92 2.04 10.02 13.72
CA ASP A 92 1.94 10.33 12.30
C ASP A 92 3.28 10.27 11.58
N THR A 93 4.38 10.07 12.29
CA THR A 93 5.69 9.97 11.66
C THR A 93 5.73 8.74 10.76
N ALA A 94 6.03 8.96 9.49
CA ALA A 94 6.01 7.91 8.49
C ALA A 94 6.48 8.52 7.18
N VAL A 95 6.86 7.67 6.24
CA VAL A 95 6.98 8.11 4.86
C VAL A 95 5.61 7.91 4.21
N TYR A 96 5.15 8.92 3.49
CA TYR A 96 3.82 8.96 2.92
C TYR A 96 3.93 8.71 1.43
N TYR A 97 3.24 7.69 0.95
CA TYR A 97 3.24 7.30 -0.45
C TYR A 97 1.91 7.65 -1.09
N CYS A 98 1.98 8.14 -2.32
CA CYS A 98 0.79 8.26 -3.13
CA CYS A 98 0.83 8.31 -3.19
C CYS A 98 0.74 7.09 -4.10
N ALA A 99 -0.47 6.59 -4.34
CA ALA A 99 -0.63 5.37 -5.11
C ALA A 99 -1.89 5.44 -5.96
N ARG A 100 -1.80 4.80 -7.13
CA ARG A 100 -2.90 4.73 -8.08
C ARG A 100 -3.64 3.40 -7.94
N ASP A 101 -4.96 3.46 -8.11
CA ASP A 101 -5.85 2.30 -7.99
C ASP A 101 -6.61 2.20 -9.29
N PRO A 102 -6.38 1.16 -10.10
CA PRO A 102 -7.07 1.05 -11.39
C PRO A 102 -8.43 0.38 -11.34
N LEU A 103 -8.87 -0.10 -10.18
CA LEU A 103 -10.10 -0.87 -10.07
C LEU A 103 -11.26 -0.09 -9.48
N THR A 104 -11.03 0.65 -8.40
CA THR A 104 -12.11 1.29 -7.67
C THR A 104 -12.82 2.33 -8.54
N LYS A 105 -14.14 2.20 -8.66
CA LYS A 105 -14.95 3.23 -9.30
C LYS A 105 -15.94 3.87 -8.33
N LEU A 106 -16.83 3.09 -7.73
CA LEU A 106 -17.83 3.61 -6.79
C LEU A 106 -17.49 3.15 -5.38
N LEU A 107 -17.60 4.08 -4.42
CA LEU A 107 -17.42 3.80 -3.00
C LEU A 107 -18.56 4.43 -2.22
N PRO A 108 -19.76 3.83 -2.28
CA PRO A 108 -20.90 4.44 -1.58
C PRO A 108 -20.79 4.40 -0.06
N PHE A 109 -20.10 3.42 0.50
CA PHE A 109 -19.88 3.35 1.94
C PHE A 109 -18.41 3.03 2.21
N ASP A 110 -17.99 3.25 3.45
CA ASP A 110 -16.61 3.00 3.84
C ASP A 110 -16.29 1.52 3.96
N TRP A 111 -17.29 0.63 3.83
CA TRP A 111 -17.09 -0.80 3.98
C TRP A 111 -17.18 -1.57 2.67
N VAL A 112 -17.48 -0.91 1.55
CA VAL A 112 -17.62 -1.62 0.28
C VAL A 112 -16.23 -2.02 -0.25
N SER A 113 -16.22 -2.88 -1.26
CA SER A 113 -14.96 -3.31 -1.85
C SER A 113 -14.24 -2.13 -2.50
N GLY A 114 -12.92 -2.24 -2.55
CA GLY A 114 -12.10 -1.19 -3.13
C GLY A 114 -11.24 -1.68 -4.26
N GLY A 115 -9.93 -1.46 -4.15
CA GLY A 115 -9.01 -1.83 -5.22
C GLY A 115 -7.62 -2.03 -4.68
N TYR A 116 -6.70 -2.27 -5.61
CA TYR A 116 -5.30 -2.48 -5.32
C TYR A 116 -4.48 -1.34 -5.94
N PHE A 117 -3.20 -1.31 -5.60
CA PHE A 117 -2.34 -0.16 -5.89
C PHE A 117 -1.30 -0.57 -6.93
N ASP A 118 -1.51 -0.16 -8.19
CA ASP A 118 -0.66 -0.63 -9.27
C ASP A 118 0.57 0.24 -9.53
N TYR A 119 0.53 1.52 -9.13
CA TYR A 119 1.70 2.40 -9.24
C TYR A 119 1.85 3.17 -7.94
N TRP A 120 3.10 3.31 -7.48
CA TRP A 120 3.42 3.99 -6.24
C TRP A 120 4.48 5.05 -6.50
N GLY A 121 4.45 6.11 -5.70
CA GLY A 121 5.52 7.08 -5.70
C GLY A 121 6.68 6.61 -4.83
N GLN A 122 7.71 7.46 -4.77
CA GLN A 122 8.89 7.14 -3.97
C GLN A 122 8.71 7.48 -2.49
N GLY A 123 7.73 8.30 -2.16
CA GLY A 123 7.42 8.62 -0.78
C GLY A 123 8.06 9.91 -0.33
N THR A 124 7.44 10.55 0.66
CA THR A 124 8.00 11.72 1.32
C THR A 124 7.88 11.54 2.83
N LEU A 125 8.98 11.81 3.54
CA LEU A 125 9.04 11.53 4.97
C LEU A 125 8.50 12.70 5.78
N VAL A 126 7.56 12.41 6.67
CA VAL A 126 7.08 13.36 7.66
C VAL A 126 7.52 12.87 9.03
N THR A 127 8.28 13.68 9.75
CA THR A 127 8.74 13.36 11.09
C THR A 127 8.17 14.36 12.06
N VAL A 128 7.39 13.87 13.02
CA VAL A 128 6.86 14.72 14.09
C VAL A 128 7.87 14.69 15.23
N SER A 129 8.48 15.86 15.49
CA SER A 129 9.49 15.96 16.54
C SER A 129 8.84 15.86 17.91
N SER A 130 9.69 15.76 18.94
CA SER A 130 9.21 15.59 20.30
C SER A 130 9.72 16.68 21.24
N ASP B 1 -11.80 -2.83 9.40
CA ASP B 1 -12.30 -3.78 10.38
C ASP B 1 -11.71 -5.17 10.15
N ILE B 2 -11.41 -5.49 8.90
CA ILE B 2 -10.79 -6.77 8.57
C ILE B 2 -9.32 -6.71 8.95
N VAL B 3 -8.92 -7.58 9.88
CA VAL B 3 -7.53 -7.66 10.32
C VAL B 3 -6.80 -8.68 9.45
N MET B 4 -5.65 -8.28 8.92
CA MET B 4 -4.81 -9.16 8.10
C MET B 4 -3.55 -9.50 8.88
N THR B 5 -3.24 -10.79 8.98
CA THR B 5 -2.07 -11.27 9.71
C THR B 5 -1.24 -12.17 8.82
N GLN B 6 0.06 -11.92 8.78
CA GLN B 6 0.98 -12.71 7.96
C GLN B 6 1.88 -13.56 8.83
N SER B 7 2.26 -14.73 8.29
CA SER B 7 3.19 -15.65 8.93
C SER B 7 4.10 -16.22 7.85
N PRO B 8 5.38 -16.47 8.19
CA PRO B 8 5.99 -16.14 9.48
C PRO B 8 6.40 -14.67 9.52
N GLY B 9 6.93 -14.22 10.66
CA GLY B 9 7.46 -12.87 10.71
C GLY B 9 8.67 -12.69 9.81
N THR B 10 9.56 -13.67 9.82
CA THR B 10 10.78 -13.63 9.02
C THR B 10 11.07 -15.02 8.46
N LEU B 11 11.48 -15.05 7.19
CA LEU B 11 11.98 -16.26 6.54
C LEU B 11 13.45 -16.02 6.22
N SER B 12 14.32 -16.90 6.71
CA SER B 12 15.75 -16.83 6.45
CA SER B 12 15.75 -16.84 6.46
C SER B 12 16.10 -18.00 5.53
N LEU B 13 16.35 -17.70 4.26
CA LEU B 13 16.57 -18.71 3.25
C LEU B 13 17.74 -18.34 2.35
N SER B 14 18.34 -19.36 1.75
CA SER B 14 19.39 -19.18 0.76
C SER B 14 18.78 -18.98 -0.62
N PRO B 15 19.48 -18.32 -1.54
CA PRO B 15 18.98 -18.24 -2.92
C PRO B 15 18.80 -19.63 -3.47
N GLY B 16 17.74 -19.81 -4.25
CA GLY B 16 17.37 -21.09 -4.79
C GLY B 16 16.31 -21.82 -4.00
N GLU B 17 16.14 -21.51 -2.72
CA GLU B 17 15.12 -22.17 -1.93
C GLU B 17 13.74 -21.63 -2.28
N ARG B 18 12.72 -22.42 -1.97
CA ARG B 18 11.33 -22.00 -2.16
C ARG B 18 10.85 -21.29 -0.90
N ALA B 19 10.06 -20.23 -1.10
CA ALA B 19 9.48 -19.47 -0.01
C ALA B 19 7.96 -19.54 -0.10
N THR B 20 7.32 -19.89 1.01
CA THR B 20 5.86 -19.95 1.10
C THR B 20 5.41 -19.00 2.20
N LEU B 21 4.64 -17.98 1.82
CA LEU B 21 4.21 -16.93 2.73
C LEU B 21 2.70 -17.01 2.91
N SER B 22 2.24 -16.89 4.15
CA SER B 22 0.83 -17.04 4.49
CA SER B 22 0.84 -17.04 4.48
C SER B 22 0.24 -15.72 4.96
N CYS B 23 -1.04 -15.53 4.64
CA CYS B 23 -1.78 -14.34 5.01
C CYS B 23 -3.19 -14.77 5.38
N ARG B 24 -3.65 -14.35 6.56
CA ARG B 24 -4.97 -14.74 7.07
C ARG B 24 -5.79 -13.51 7.39
N ALA B 25 -7.04 -13.50 6.93
CA ALA B 25 -7.97 -12.40 7.19
C ALA B 25 -8.93 -12.80 8.31
N SER B 26 -9.35 -11.80 9.09
CA SER B 26 -10.28 -12.05 10.18
C SER B 26 -11.69 -12.32 9.68
N GLN B 27 -12.00 -11.93 8.45
CA GLN B 27 -13.28 -12.23 7.81
C GLN B 27 -13.00 -12.65 6.38
N SER B 28 -13.94 -13.40 5.80
CA SER B 28 -13.79 -13.82 4.42
CA SER B 28 -13.79 -13.82 4.42
C SER B 28 -13.65 -12.60 3.51
N VAL B 29 -12.71 -12.67 2.58
CA VAL B 29 -12.40 -11.54 1.70
C VAL B 29 -13.30 -11.63 0.47
N SER B 30 -14.21 -10.67 0.34
CA SER B 30 -15.18 -10.68 -0.74
C SER B 30 -14.49 -10.69 -2.10
N SER B 31 -14.99 -11.54 -2.99
CA SER B 31 -14.50 -11.67 -4.37
C SER B 31 -13.04 -12.10 -4.44
N SER B 32 -12.48 -12.62 -3.35
CA SER B 32 -11.06 -12.96 -3.28
C SER B 32 -10.18 -11.76 -3.65
N TYR B 33 -10.62 -10.57 -3.24
CA TYR B 33 -9.92 -9.32 -3.51
C TYR B 33 -8.73 -9.20 -2.56
N LEU B 34 -7.64 -9.88 -2.92
CA LEU B 34 -6.43 -9.94 -2.11
C LEU B 34 -5.24 -9.70 -3.01
N ALA B 35 -4.40 -8.73 -2.64
CA ALA B 35 -3.22 -8.37 -3.41
C ALA B 35 -1.96 -8.64 -2.60
N TRP B 36 -0.85 -8.84 -3.30
CA TRP B 36 0.46 -9.01 -2.70
C TRP B 36 1.42 -7.98 -3.26
N TYR B 37 2.30 -7.46 -2.40
CA TYR B 37 3.29 -6.47 -2.77
C TYR B 37 4.66 -6.89 -2.29
N GLN B 38 5.68 -6.47 -3.03
CA GLN B 38 7.07 -6.65 -2.65
C GLN B 38 7.67 -5.27 -2.36
N GLN B 39 8.41 -5.17 -1.28
CA GLN B 39 9.07 -3.91 -0.92
C GLN B 39 10.52 -4.20 -0.56
N LYS B 40 11.44 -3.73 -1.40
CA LYS B 40 12.86 -3.85 -1.15
C LYS B 40 13.31 -2.73 -0.20
N PRO B 41 14.46 -2.90 0.47
CA PRO B 41 14.92 -1.88 1.41
C PRO B 41 15.05 -0.52 0.75
N GLY B 42 14.42 0.49 1.37
CA GLY B 42 14.49 1.84 0.88
C GLY B 42 13.75 2.12 -0.41
N GLN B 43 12.89 1.21 -0.84
CA GLN B 43 12.13 1.36 -2.07
C GLN B 43 10.64 1.39 -1.78
N ALA B 44 9.88 1.81 -2.78
CA ALA B 44 8.43 1.78 -2.71
C ALA B 44 7.94 0.36 -2.99
N PRO B 45 6.74 0.01 -2.48
CA PRO B 45 6.17 -1.30 -2.77
C PRO B 45 5.90 -1.46 -4.27
N ARG B 46 5.87 -2.72 -4.69
CA ARG B 46 5.62 -3.10 -6.08
C ARG B 46 4.54 -4.16 -6.09
N LEU B 47 3.50 -3.94 -6.91
CA LEU B 47 2.41 -4.90 -7.01
C LEU B 47 2.90 -6.19 -7.66
N LEU B 48 2.59 -7.33 -7.02
CA LEU B 48 2.93 -8.65 -7.54
C LEU B 48 1.70 -9.40 -8.01
N ILE B 49 0.65 -9.44 -7.19
CA ILE B 49 -0.53 -10.26 -7.41
C ILE B 49 -1.74 -9.42 -7.05
N TYR B 50 -2.82 -9.58 -7.82
CA TYR B 50 -4.12 -9.02 -7.46
C TYR B 50 -5.18 -10.09 -7.68
N ARG B 51 -6.35 -9.87 -7.07
CA ARG B 51 -7.45 -10.84 -7.14
C ARG B 51 -6.98 -12.25 -6.75
N ALA B 52 -6.06 -12.27 -5.79
CA ALA B 52 -5.52 -13.44 -5.08
C ALA B 52 -4.62 -14.33 -5.92
N SER B 53 -4.73 -14.28 -7.24
CA SER B 53 -3.96 -15.20 -8.08
C SER B 53 -3.49 -14.62 -9.41
N SER B 54 -3.86 -13.39 -9.75
CA SER B 54 -3.50 -12.82 -11.05
C SER B 54 -2.18 -12.09 -10.92
N ARG B 55 -1.21 -12.46 -11.76
CA ARG B 55 0.07 -11.78 -11.75
C ARG B 55 -0.04 -10.42 -12.41
N ALA B 56 0.60 -9.42 -11.81
CA ALA B 56 0.72 -8.13 -12.46
C ALA B 56 1.67 -8.25 -13.65
N THR B 57 1.58 -7.28 -14.57
CA THR B 57 2.43 -7.29 -15.75
C THR B 57 3.89 -7.20 -15.35
N GLY B 58 4.73 -8.03 -15.98
CA GLY B 58 6.15 -8.04 -15.71
C GLY B 58 6.58 -8.85 -14.51
N ILE B 59 5.67 -9.56 -13.86
CA ILE B 59 6.01 -10.38 -12.69
C ILE B 59 6.39 -11.78 -13.15
N PRO B 60 7.56 -12.30 -12.75
CA PRO B 60 8.00 -13.60 -13.23
C PRO B 60 7.12 -14.75 -12.76
N ASP B 61 7.16 -15.85 -13.53
CA ASP B 61 6.32 -17.00 -13.25
C ASP B 61 6.62 -17.66 -11.91
N ARG B 62 7.79 -17.43 -11.33
CA ARG B 62 8.12 -18.07 -10.06
C ARG B 62 7.24 -17.58 -8.91
N PHE B 63 6.61 -16.42 -9.05
CA PHE B 63 5.66 -15.92 -8.07
C PHE B 63 4.27 -16.44 -8.42
N SER B 64 3.58 -16.99 -7.42
CA SER B 64 2.19 -17.38 -7.59
C SER B 64 1.41 -17.11 -6.31
N GLY B 65 0.18 -16.62 -6.47
CA GLY B 65 -0.73 -16.41 -5.35
C GLY B 65 -1.88 -17.39 -5.43
N SER B 66 -2.38 -17.79 -4.26
CA SER B 66 -3.48 -18.73 -4.19
C SER B 66 -4.26 -18.50 -2.90
N GLY B 67 -5.38 -19.20 -2.78
CA GLY B 67 -6.21 -19.16 -1.59
C GLY B 67 -7.55 -18.50 -1.85
N SER B 68 -8.37 -18.52 -0.81
CA SER B 68 -9.70 -17.92 -0.84
C SER B 68 -10.23 -17.87 0.58
N GLY B 69 -11.37 -17.22 0.74
CA GLY B 69 -11.98 -17.08 2.06
C GLY B 69 -11.13 -16.24 2.97
N THR B 70 -10.54 -16.85 4.00
CA THR B 70 -9.68 -16.15 4.94
C THR B 70 -8.20 -16.44 4.76
N ASP B 71 -7.83 -17.48 4.01
CA ASP B 71 -6.45 -17.97 4.00
C ASP B 71 -5.86 -17.85 2.60
N PHE B 72 -4.77 -17.10 2.48
CA PHE B 72 -4.12 -16.84 1.21
C PHE B 72 -2.62 -17.12 1.33
N THR B 73 -2.01 -17.41 0.18
CA THR B 73 -0.62 -17.83 0.15
C THR B 73 0.08 -17.21 -1.05
N LEU B 74 1.31 -16.74 -0.82
CA LEU B 74 2.22 -16.32 -1.88
C LEU B 74 3.38 -17.30 -1.90
N THR B 75 3.66 -17.88 -3.06
CA THR B 75 4.74 -18.83 -3.22
C THR B 75 5.77 -18.28 -4.19
N ILE B 76 7.04 -18.39 -3.84
CA ILE B 76 8.16 -18.10 -4.72
C ILE B 76 8.90 -19.41 -4.91
N SER B 77 8.80 -19.96 -6.13
CA SER B 77 9.26 -21.34 -6.34
C SER B 77 10.76 -21.47 -6.18
N ARG B 78 11.51 -20.42 -6.51
CA ARG B 78 12.98 -20.44 -6.40
C ARG B 78 13.42 -19.00 -6.17
N LEU B 79 14.01 -18.74 -5.01
CA LEU B 79 14.41 -17.39 -4.65
C LEU B 79 15.63 -16.95 -5.46
N GLU B 80 15.50 -15.83 -6.14
CA GLU B 80 16.62 -15.13 -6.75
C GLU B 80 17.11 -14.04 -5.82
N PRO B 81 18.35 -13.57 -6.00
CA PRO B 81 18.86 -12.51 -5.11
C PRO B 81 17.96 -11.28 -5.02
N GLU B 82 17.28 -10.93 -6.12
CA GLU B 82 16.40 -9.77 -6.12
C GLU B 82 15.11 -10.02 -5.35
N ASP B 83 14.83 -11.25 -4.94
CA ASP B 83 13.57 -11.57 -4.27
C ASP B 83 13.62 -11.34 -2.77
N PHE B 84 14.79 -11.07 -2.20
CA PHE B 84 14.88 -10.85 -0.77
C PHE B 84 14.37 -9.45 -0.44
N ALA B 85 13.28 -9.39 0.30
CA ALA B 85 12.51 -8.17 0.48
C ALA B 85 11.44 -8.45 1.54
N VAL B 86 10.64 -7.43 1.84
CA VAL B 86 9.47 -7.59 2.69
C VAL B 86 8.25 -7.72 1.78
N TYR B 87 7.37 -8.65 2.11
CA TYR B 87 6.18 -8.92 1.32
C TYR B 87 4.94 -8.62 2.15
N TYR B 88 3.98 -7.93 1.55
CA TYR B 88 2.76 -7.52 2.21
C TYR B 88 1.56 -8.07 1.45
N CYS B 89 0.57 -8.56 2.19
CA CYS B 89 -0.74 -8.80 1.61
C CYS B 89 -1.66 -7.62 1.92
N GLN B 90 -2.70 -7.48 1.10
CA GLN B 90 -3.65 -6.39 1.24
C GLN B 90 -5.00 -6.86 0.76
N GLN B 91 -6.00 -6.81 1.62
CA GLN B 91 -7.36 -7.10 1.19
C GLN B 91 -8.04 -5.82 0.73
N TYR B 92 -8.91 -5.96 -0.27
CA TYR B 92 -9.75 -4.86 -0.70
C TYR B 92 -11.19 -5.33 -0.89
N GLY B 93 -11.58 -6.36 -0.15
CA GLY B 93 -12.97 -6.86 -0.20
C GLY B 93 -13.90 -5.94 0.57
N SER B 94 -13.38 -5.31 1.61
CA SER B 94 -14.14 -4.36 2.46
C SER B 94 -13.12 -3.32 2.92
N SER B 95 -13.14 -2.14 2.28
CA SER B 95 -12.14 -1.06 2.52
C SER B 95 -10.74 -1.56 2.10
N PHE B 96 -9.69 -0.99 2.70
CA PHE B 96 -8.30 -1.33 2.33
C PHE B 96 -7.48 -1.57 3.60
N THR B 97 -6.98 -2.78 3.77
CA THR B 97 -6.15 -3.09 4.94
C THR B 97 -5.00 -4.01 4.54
N PHE B 98 -3.84 -3.77 5.15
CA PHE B 98 -2.60 -4.49 4.86
C PHE B 98 -2.26 -5.44 6.01
N GLY B 99 -1.61 -6.54 5.66
CA GLY B 99 -0.90 -7.32 6.66
C GLY B 99 0.33 -6.59 7.16
N GLN B 100 0.94 -7.15 8.21
CA GLN B 100 2.08 -6.47 8.83
C GLN B 100 3.40 -6.74 8.11
N GLY B 101 3.42 -7.66 7.15
CA GLY B 101 4.60 -7.93 6.36
C GLY B 101 5.37 -9.15 6.84
N THR B 102 5.96 -9.87 5.89
CA THR B 102 6.88 -10.96 6.15
C THR B 102 8.21 -10.60 5.51
N LYS B 103 9.28 -10.64 6.30
CA LYS B 103 10.61 -10.33 5.79
C LYS B 103 11.27 -11.61 5.30
N VAL B 104 11.70 -11.60 4.04
CA VAL B 104 12.46 -12.71 3.45
C VAL B 104 13.89 -12.24 3.31
N GLU B 105 14.78 -12.83 4.11
CA GLU B 105 16.17 -12.39 4.19
C GLU B 105 17.11 -13.55 3.88
N ILE B 106 18.32 -13.19 3.45
CA ILE B 106 19.31 -14.19 3.08
CA ILE B 106 19.31 -14.20 3.07
C ILE B 106 19.81 -14.92 4.32
N LYS B 107 19.91 -16.24 4.22
CA LYS B 107 20.40 -17.06 5.32
C LYS B 107 21.90 -16.85 5.50
N ARG B 108 22.32 -16.64 6.73
CA ARG B 108 23.74 -16.39 7.03
C ARG B 108 24.26 -17.36 8.08
#